data_3M06
#
_entry.id   3M06
#
_cell.length_a   150.706
_cell.length_b   150.706
_cell.length_c   86.728
_cell.angle_alpha   90.000
_cell.angle_beta   90.000
_cell.angle_gamma   120.000
#
_symmetry.space_group_name_H-M   'H 3'
#
loop_
_entity.id
_entity.type
_entity.pdbx_description
1 polymer 'TNF receptor-associated factor 2'
2 water water
#
_entity_poly.entity_id   1
_entity_poly.type   'polypeptide(L)'
_entity_poly.pdbx_seq_one_letter_code
;SELLQRCESLEKKTATFENIVCVLNREVERVAMTAEACSRQHRLDQDKIEALSSKVQQLERSIGLEHHHHHH
;
_entity_poly.pdbx_strand_id   A,B,C,D,E,F
#
# COMPACT_ATOMS: atom_id res chain seq x y z
N GLU A 2 17.19 33.53 19.55
CA GLU A 2 16.22 33.41 18.48
C GLU A 2 16.74 32.45 17.39
N LEU A 3 18.06 32.45 17.22
CA LEU A 3 18.70 31.53 16.28
C LEU A 3 18.51 30.07 16.69
N LEU A 4 18.59 29.77 17.99
CA LEU A 4 18.41 28.40 18.46
C LEU A 4 16.98 27.92 18.26
N GLN A 5 16.05 28.86 18.38
CA GLN A 5 14.65 28.55 18.22
C GLN A 5 14.36 28.31 16.72
N ARG A 6 14.90 29.19 15.86
CA ARG A 6 14.73 29.10 14.42
C ARG A 6 15.34 27.82 13.91
N CYS A 7 16.38 27.36 14.57
CA CYS A 7 17.06 26.14 14.18
C CYS A 7 16.23 24.92 14.58
N GLU A 8 15.62 25.01 15.77
CA GLU A 8 14.75 23.98 16.29
C GLU A 8 13.54 23.79 15.37
N SER A 9 12.92 24.92 15.03
CA SER A 9 11.81 25.03 14.08
C SER A 9 12.07 24.43 12.69
N LEU A 10 13.34 24.39 12.31
CA LEU A 10 13.74 23.85 11.03
C LEU A 10 13.94 22.32 11.14
N GLU A 11 14.69 21.87 12.14
CA GLU A 11 14.80 20.44 12.36
C GLU A 11 13.40 19.80 12.42
N LYS A 12 12.49 20.47 13.11
CA LYS A 12 11.09 20.07 13.14
C LYS A 12 10.54 19.94 11.73
N LYS A 13 10.33 21.11 11.12
CA LYS A 13 9.73 21.24 9.80
C LYS A 13 10.44 20.35 8.75
N THR A 14 11.72 20.04 9.00
CA THR A 14 12.47 19.14 8.13
C THR A 14 12.16 17.65 8.27
N ALA A 15 11.75 17.22 9.47
CA ALA A 15 11.48 15.81 9.75
C ALA A 15 10.05 15.43 9.38
N THR A 16 9.15 16.41 9.44
CA THR A 16 7.79 16.19 9.00
C THR A 16 7.80 16.00 7.47
N PHE A 17 8.57 16.86 6.80
CA PHE A 17 8.76 16.81 5.36
C PHE A 17 9.28 15.47 4.85
N GLU A 18 10.29 14.92 5.50
CA GLU A 18 10.84 13.64 5.08
C GLU A 18 9.78 12.55 5.16
N ASN A 19 9.09 12.45 6.29
CA ASN A 19 8.06 11.43 6.43
C ASN A 19 6.98 11.57 5.37
N ILE A 20 6.49 12.80 5.21
CA ILE A 20 5.49 13.13 4.18
C ILE A 20 5.91 12.59 2.83
N VAL A 21 7.19 12.72 2.48
CA VAL A 21 7.65 12.19 1.19
C VAL A 21 7.73 10.66 1.13
N CYS A 22 8.18 10.03 2.22
CA CYS A 22 8.17 8.56 2.34
C CYS A 22 6.75 7.98 2.25
N VAL A 23 5.77 8.70 2.80
CA VAL A 23 4.38 8.28 2.62
C VAL A 23 3.99 8.41 1.14
N LEU A 24 4.08 9.62 0.62
CA LEU A 24 3.90 9.85 -0.82
C LEU A 24 4.61 8.86 -1.75
N ASN A 25 5.82 8.44 -1.42
CA ASN A 25 6.53 7.52 -2.32
C ASN A 25 5.92 6.11 -2.33
N ARG A 26 5.65 5.55 -1.16
CA ARG A 26 4.94 4.27 -1.05
C ARG A 26 3.56 4.34 -1.66
N GLU A 27 2.89 5.47 -1.50
CA GLU A 27 1.55 5.60 -2.07
C GLU A 27 1.60 5.65 -3.59
N VAL A 28 2.67 6.18 -4.15
CA VAL A 28 2.84 6.19 -5.60
C VAL A 28 3.13 4.76 -6.09
N GLU A 29 4.15 4.13 -5.49
CA GLU A 29 4.45 2.74 -5.75
C GLU A 29 3.17 1.93 -5.84
N ARG A 30 2.25 2.20 -4.92
CA ARG A 30 0.99 1.49 -4.82
C ARG A 30 0.01 1.88 -5.91
N VAL A 31 -0.08 3.17 -6.24
CA VAL A 31 -0.99 3.56 -7.30
C VAL A 31 -0.52 3.01 -8.65
N ALA A 32 0.77 3.14 -8.94
CA ALA A 32 1.35 2.59 -10.17
C ALA A 32 0.96 1.12 -10.34
N MET A 33 0.84 0.40 -9.22
CA MET A 33 0.39 -0.98 -9.21
C MET A 33 -1.06 -1.07 -9.69
N THR A 34 -1.89 -0.20 -9.13
CA THR A 34 -3.32 -0.16 -9.43
C THR A 34 -3.56 0.25 -10.86
N ALA A 35 -2.64 1.02 -11.42
CA ALA A 35 -2.74 1.42 -12.82
C ALA A 35 -2.19 0.32 -13.77
N GLU A 36 -1.28 -0.50 -13.25
CA GLU A 36 -0.79 -1.62 -14.02
C GLU A 36 -1.75 -2.82 -14.01
N ALA A 37 -2.66 -2.86 -13.03
CA ALA A 37 -3.65 -3.95 -12.97
C ALA A 37 -4.78 -3.63 -13.94
N CYS A 38 -5.07 -2.34 -14.04
CA CYS A 38 -5.99 -1.78 -15.02
C CYS A 38 -5.54 -2.06 -16.46
N SER A 39 -4.24 -1.91 -16.73
CA SER A 39 -3.66 -2.27 -18.03
C SER A 39 -3.68 -3.77 -18.25
N ARG A 40 -3.75 -4.52 -17.14
CA ARG A 40 -3.85 -5.96 -17.19
C ARG A 40 -5.31 -6.39 -17.18
N GLN A 41 -6.22 -5.42 -17.21
CA GLN A 41 -7.64 -5.73 -17.35
C GLN A 41 -8.17 -5.43 -18.76
N HIS A 42 -7.77 -4.28 -19.32
CA HIS A 42 -8.06 -3.94 -20.71
C HIS A 42 -7.45 -4.87 -21.80
N ARG A 43 -6.34 -5.54 -21.50
CA ARG A 43 -5.74 -6.49 -22.44
C ARG A 43 -6.70 -7.66 -22.77
N LEU A 44 -7.44 -8.11 -21.76
CA LEU A 44 -8.44 -9.17 -21.90
C LEU A 44 -9.64 -8.70 -22.72
N ASP A 45 -9.94 -7.40 -22.65
CA ASP A 45 -10.99 -6.75 -23.44
C ASP A 45 -10.49 -6.37 -24.85
N GLN A 46 -9.28 -5.81 -24.91
CA GLN A 46 -8.68 -5.48 -26.19
C GLN A 46 -8.80 -6.71 -27.08
N ASP A 47 -8.97 -7.86 -26.42
CA ASP A 47 -9.08 -9.15 -27.07
C ASP A 47 -10.54 -9.56 -27.18
N LYS A 48 -11.24 -9.54 -26.05
CA LYS A 48 -12.65 -9.93 -25.97
C LYS A 48 -13.49 -9.07 -26.90
N ILE A 49 -13.22 -7.77 -26.90
CA ILE A 49 -13.97 -6.87 -27.76
C ILE A 49 -13.74 -7.21 -29.23
N GLU A 50 -12.49 -7.45 -29.59
CA GLU A 50 -12.15 -7.75 -30.98
C GLU A 50 -12.79 -9.07 -31.44
N ALA A 51 -12.75 -10.08 -30.57
CA ALA A 51 -13.22 -11.43 -30.90
C ALA A 51 -14.71 -11.46 -31.22
N LEU A 52 -15.46 -10.63 -30.49
CA LEU A 52 -16.89 -10.46 -30.70
C LEU A 52 -17.20 -9.32 -31.68
N SER A 53 -16.20 -8.61 -32.14
CA SER A 53 -16.42 -7.53 -33.09
C SER A 53 -16.58 -8.10 -34.50
N SER A 54 -16.03 -9.29 -34.70
CA SER A 54 -16.05 -9.92 -35.99
C SER A 54 -17.02 -11.11 -36.02
N LYS A 55 -17.19 -11.76 -34.86
CA LYS A 55 -18.12 -12.87 -34.72
C LYS A 55 -19.55 -12.42 -34.91
N VAL A 56 -19.81 -11.15 -34.64
CA VAL A 56 -21.11 -10.55 -34.90
C VAL A 56 -21.17 -10.07 -36.33
N GLN A 57 -20.01 -9.69 -36.88
CA GLN A 57 -19.98 -9.28 -38.28
C GLN A 57 -20.19 -10.55 -39.12
N GLN A 58 -19.74 -11.67 -38.60
CA GLN A 58 -19.93 -12.91 -39.32
C GLN A 58 -21.42 -13.32 -39.30
N LEU A 59 -22.04 -13.29 -38.12
CA LEU A 59 -23.46 -13.55 -38.01
C LEU A 59 -24.31 -12.43 -38.60
N GLU A 60 -23.65 -11.41 -39.14
CA GLU A 60 -24.35 -10.33 -39.80
C GLU A 60 -24.30 -10.56 -41.31
N ARG A 61 -23.20 -11.15 -41.78
CA ARG A 61 -23.09 -11.43 -43.21
C ARG A 61 -23.89 -12.68 -43.55
N SER A 62 -23.89 -13.64 -42.66
CA SER A 62 -24.68 -14.80 -42.88
C SER A 62 -26.15 -14.45 -42.98
N ILE A 63 -26.52 -13.17 -42.84
CA ILE A 63 -27.88 -12.76 -42.99
C ILE A 63 -28.26 -11.55 -43.95
N GLU B 2 27.25 22.86 18.99
CA GLU B 2 26.01 22.29 18.49
C GLU B 2 25.52 22.98 17.19
N LEU B 3 25.12 24.24 17.27
CA LEU B 3 24.56 24.95 16.11
C LEU B 3 25.26 24.74 14.76
N LEU B 4 26.54 25.08 14.65
CA LEU B 4 27.24 24.96 13.37
C LEU B 4 27.14 23.54 12.80
N GLN B 5 27.05 22.55 13.69
CA GLN B 5 26.90 21.15 13.34
C GLN B 5 25.44 20.84 13.01
N ARG B 6 24.53 21.57 13.65
CA ARG B 6 23.11 21.31 13.53
C ARG B 6 22.55 21.93 12.25
N CYS B 7 23.19 22.98 11.78
CA CYS B 7 22.86 23.56 10.49
C CYS B 7 23.59 22.86 9.33
N GLU B 8 24.73 22.26 9.63
CA GLU B 8 25.54 21.61 8.60
C GLU B 8 24.91 20.30 8.16
N SER B 9 24.21 19.64 9.09
CA SER B 9 23.48 18.40 8.83
C SER B 9 22.06 18.68 8.35
N LEU B 10 21.55 19.89 8.61
CA LEU B 10 20.29 20.32 8.04
C LEU B 10 20.50 20.72 6.60
N GLU B 11 21.56 21.44 6.32
CA GLU B 11 21.82 21.81 4.94
C GLU B 11 22.33 20.60 4.13
N LYS B 12 22.94 19.63 4.79
CA LYS B 12 23.31 18.40 4.07
C LYS B 12 22.06 17.60 3.72
N LYS B 13 21.08 17.60 4.63
CA LYS B 13 19.82 16.86 4.43
C LYS B 13 18.96 17.51 3.35
N THR B 14 18.96 18.84 3.35
CA THR B 14 18.24 19.63 2.36
C THR B 14 18.90 19.57 0.98
N ALA B 15 20.18 19.23 0.95
CA ALA B 15 20.82 18.99 -0.34
C ALA B 15 20.23 17.72 -0.96
N THR B 16 20.21 16.63 -0.18
CA THR B 16 19.61 15.37 -0.62
C THR B 16 18.19 15.53 -1.17
N PHE B 17 17.37 16.39 -0.55
CA PHE B 17 15.96 16.53 -0.97
C PHE B 17 15.71 17.12 -2.36
N GLU B 18 16.65 17.91 -2.90
CA GLU B 18 16.49 18.42 -4.26
C GLU B 18 16.16 17.29 -5.26
N ASN B 19 16.94 16.21 -5.20
CA ASN B 19 16.75 15.07 -6.10
C ASN B 19 15.75 14.04 -5.59
N ILE B 20 15.45 14.06 -4.29
CA ILE B 20 14.37 13.23 -3.80
C ILE B 20 13.07 13.75 -4.37
N VAL B 21 12.92 15.08 -4.41
CA VAL B 21 11.69 15.67 -4.91
C VAL B 21 11.61 15.62 -6.43
N CYS B 22 12.76 15.75 -7.09
CA CYS B 22 12.85 15.52 -8.52
C CYS B 22 12.34 14.11 -8.86
N VAL B 23 12.72 13.13 -8.06
CA VAL B 23 12.25 11.78 -8.28
C VAL B 23 10.75 11.63 -8.03
N LEU B 24 10.29 12.18 -6.91
CA LEU B 24 8.94 11.89 -6.48
C LEU B 24 7.98 12.44 -7.51
N ASN B 25 8.34 13.60 -8.05
CA ASN B 25 7.59 14.30 -9.09
C ASN B 25 7.60 13.55 -10.42
N ARG B 26 8.78 13.11 -10.82
CA ARG B 26 8.92 12.27 -12.00
C ARG B 26 7.92 11.08 -11.92
N GLU B 27 7.97 10.35 -10.79
CA GLU B 27 7.11 9.20 -10.44
C GLU B 27 5.63 9.50 -10.65
N VAL B 28 5.19 10.63 -10.11
CA VAL B 28 3.78 11.01 -10.08
C VAL B 28 3.35 11.45 -11.48
N GLU B 29 4.21 12.21 -12.16
CA GLU B 29 3.99 12.57 -13.54
C GLU B 29 3.64 11.30 -14.32
N ARG B 30 4.45 10.26 -14.15
CA ARG B 30 4.24 8.98 -14.85
C ARG B 30 2.99 8.25 -14.39
N VAL B 31 2.58 8.42 -13.15
CA VAL B 31 1.35 7.75 -12.71
C VAL B 31 0.13 8.59 -13.05
N ALA B 32 0.33 9.84 -13.44
CA ALA B 32 -0.77 10.70 -13.84
C ALA B 32 -1.09 10.37 -15.28
N MET B 33 -0.20 9.58 -15.86
CA MET B 33 -0.20 9.30 -17.28
C MET B 33 -0.96 8.01 -17.47
N THR B 34 -0.46 6.98 -16.79
CA THR B 34 -1.04 5.67 -16.87
C THR B 34 -2.49 5.73 -16.45
N ALA B 35 -2.81 6.50 -15.42
CA ALA B 35 -4.20 6.58 -14.98
C ALA B 35 -5.04 7.48 -15.89
N GLU B 36 -4.38 8.23 -16.76
CA GLU B 36 -5.09 9.07 -17.72
C GLU B 36 -5.52 8.20 -18.91
N ALA B 37 -4.68 7.21 -19.18
CA ALA B 37 -4.85 6.25 -20.28
C ALA B 37 -6.06 5.36 -20.05
N CYS B 38 -6.07 4.68 -18.90
CA CYS B 38 -7.19 3.84 -18.48
C CYS B 38 -8.53 4.59 -18.50
N SER B 39 -8.53 5.86 -18.10
CA SER B 39 -9.75 6.67 -18.15
C SER B 39 -10.23 6.92 -19.59
N ARG B 40 -9.30 6.87 -20.53
CA ARG B 40 -9.60 6.99 -21.95
C ARG B 40 -9.95 5.60 -22.54
N GLN B 41 -9.21 4.58 -22.12
CA GLN B 41 -9.41 3.22 -22.60
C GLN B 41 -10.56 2.54 -21.91
N HIS B 42 -11.16 3.24 -20.95
CA HIS B 42 -12.33 2.71 -20.28
C HIS B 42 -13.57 3.23 -21.00
N ARG B 43 -13.43 4.38 -21.64
CA ARG B 43 -14.46 4.92 -22.51
C ARG B 43 -14.41 4.26 -23.89
N LEU B 44 -13.25 3.69 -24.24
CA LEU B 44 -13.11 2.92 -25.47
C LEU B 44 -13.68 1.52 -25.31
N ASP B 45 -13.84 1.08 -24.07
CA ASP B 45 -14.37 -0.25 -23.82
C ASP B 45 -15.81 -0.17 -23.31
N GLN B 46 -16.28 1.06 -23.06
CA GLN B 46 -17.65 1.30 -22.59
C GLN B 46 -18.61 1.79 -23.70
N ASP B 47 -18.04 2.34 -24.78
CA ASP B 47 -18.86 2.79 -25.91
C ASP B 47 -18.95 1.71 -26.99
N LYS B 48 -17.81 1.06 -27.26
CA LYS B 48 -17.73 0.03 -28.28
C LYS B 48 -18.42 -1.21 -27.77
N ILE B 49 -18.63 -1.27 -26.45
CA ILE B 49 -19.37 -2.39 -25.89
C ILE B 49 -20.88 -2.15 -25.91
N GLU B 50 -21.29 -0.88 -25.94
CA GLU B 50 -22.72 -0.54 -26.03
C GLU B 50 -23.19 -0.64 -27.48
N ALA B 51 -22.31 -0.27 -28.40
CA ALA B 51 -22.61 -0.17 -29.83
C ALA B 51 -22.88 -1.53 -30.48
N LEU B 52 -22.14 -2.54 -30.01
CA LEU B 52 -22.35 -3.92 -30.41
C LEU B 52 -23.48 -4.57 -29.61
N SER B 53 -23.97 -3.87 -28.58
CA SER B 53 -25.12 -4.36 -27.82
C SER B 53 -26.39 -3.96 -28.56
N SER B 54 -26.30 -2.89 -29.33
CA SER B 54 -27.41 -2.40 -30.12
C SER B 54 -27.50 -3.21 -31.42
N LYS B 55 -26.38 -3.86 -31.75
CA LYS B 55 -26.28 -4.68 -32.95
C LYS B 55 -26.88 -6.08 -32.73
N VAL B 56 -26.43 -6.78 -31.69
CA VAL B 56 -27.06 -8.05 -31.31
C VAL B 56 -28.54 -7.86 -30.99
N GLN B 57 -28.92 -6.69 -30.49
CA GLN B 57 -30.32 -6.41 -30.21
C GLN B 57 -31.19 -6.48 -31.48
N GLN B 58 -30.58 -6.20 -32.63
CA GLN B 58 -31.28 -6.24 -33.90
C GLN B 58 -31.16 -7.64 -34.54
N LEU B 59 -29.98 -8.24 -34.43
CA LEU B 59 -29.73 -9.57 -34.96
C LEU B 59 -30.61 -10.64 -34.32
N GLU B 60 -30.87 -10.51 -33.03
CA GLU B 60 -31.69 -11.48 -32.35
C GLU B 60 -33.16 -11.13 -32.54
N ARG B 61 -33.40 -9.86 -32.86
CA ARG B 61 -34.76 -9.37 -33.13
C ARG B 61 -35.24 -9.87 -34.50
N SER B 62 -34.32 -9.95 -35.46
CA SER B 62 -34.63 -10.38 -36.80
C SER B 62 -34.46 -11.89 -36.94
N ILE B 63 -34.71 -12.62 -35.85
CA ILE B 63 -34.51 -14.07 -35.79
C ILE B 63 -35.64 -14.74 -34.98
N GLU C 2 27.94 33.65 8.05
CA GLU C 2 27.64 32.26 8.19
C GLU C 2 26.25 32.09 8.75
N LEU C 3 26.12 31.61 9.96
CA LEU C 3 24.80 31.33 10.43
C LEU C 3 23.84 32.42 10.03
N LEU C 4 24.33 33.62 9.88
CA LEU C 4 23.48 34.73 9.48
C LEU C 4 22.60 34.50 8.26
N GLN C 5 23.23 34.33 7.10
CA GLN C 5 22.54 34.08 5.88
C GLN C 5 22.27 32.60 5.81
N ARG C 6 23.19 31.81 6.28
CA ARG C 6 23.08 30.39 6.17
C ARG C 6 21.82 29.83 6.73
N CYS C 7 21.16 30.57 7.60
CA CYS C 7 19.93 30.05 8.20
C CYS C 7 18.66 30.52 7.50
N GLU C 8 18.68 31.71 6.94
CA GLU C 8 17.59 32.25 6.16
C GLU C 8 17.52 31.48 4.84
N SER C 9 18.67 31.09 4.31
CA SER C 9 18.71 30.31 3.08
C SER C 9 18.16 28.91 3.30
N LEU C 10 18.43 28.34 4.45
CA LEU C 10 17.74 27.13 4.85
C LEU C 10 16.27 27.40 5.13
N GLU C 11 15.94 28.58 5.63
CA GLU C 11 14.53 28.89 5.84
C GLU C 11 13.76 28.94 4.52
N LYS C 12 14.44 29.33 3.45
CA LYS C 12 13.77 29.54 2.19
C LYS C 12 13.69 28.25 1.37
N LYS C 13 14.75 27.44 1.45
CA LYS C 13 14.82 26.21 0.66
C LYS C 13 13.76 25.22 1.11
N THR C 14 13.46 25.21 2.40
CA THR C 14 12.52 24.25 2.96
C THR C 14 11.08 24.74 2.85
N ALA C 15 10.87 26.06 2.93
CA ALA C 15 9.58 26.67 2.72
C ALA C 15 9.11 26.28 1.32
N THR C 16 10.02 26.44 0.34
CA THR C 16 9.77 26.07 -1.03
C THR C 16 9.44 24.59 -1.15
N PHE C 17 10.32 23.75 -0.62
CA PHE C 17 10.15 22.32 -0.75
C PHE C 17 8.85 21.77 -0.19
N GLU C 18 8.27 22.44 0.80
CA GLU C 18 6.98 21.99 1.33
C GLU C 18 5.79 22.33 0.42
N ASN C 19 5.77 23.53 -0.17
CA ASN C 19 4.68 23.86 -1.10
C ASN C 19 4.69 22.86 -2.25
N ILE C 20 5.87 22.62 -2.80
CA ILE C 20 6.09 21.53 -3.72
C ILE C 20 5.47 20.19 -3.27
N VAL C 21 5.81 19.71 -2.08
CA VAL C 21 5.27 18.43 -1.60
C VAL C 21 3.74 18.48 -1.46
N CYS C 22 3.22 19.65 -1.12
CA CYS C 22 1.80 19.86 -0.87
C CYS C 22 0.98 19.91 -2.16
N VAL C 23 1.60 20.36 -3.25
CA VAL C 23 0.96 20.36 -4.55
C VAL C 23 1.02 18.95 -5.15
N LEU C 24 2.18 18.31 -5.02
CA LEU C 24 2.38 16.92 -5.39
C LEU C 24 1.41 16.03 -4.61
N ASN C 25 1.23 16.34 -3.33
CA ASN C 25 0.29 15.62 -2.44
C ASN C 25 -1.14 15.56 -2.95
N ARG C 26 -1.64 16.75 -3.28
CA ARG C 26 -2.94 16.96 -3.88
C ARG C 26 -3.09 16.11 -5.15
N GLU C 27 -2.04 16.13 -5.99
CA GLU C 27 -2.07 15.41 -7.24
C GLU C 27 -2.12 13.90 -7.04
N VAL C 28 -1.48 13.39 -6.00
CA VAL C 28 -1.47 11.95 -5.76
C VAL C 28 -2.87 11.48 -5.38
N GLU C 29 -3.55 12.28 -4.56
CA GLU C 29 -4.89 11.94 -4.08
C GLU C 29 -5.89 11.98 -5.23
N ARG C 30 -5.80 13.01 -6.06
CA ARG C 30 -6.67 13.17 -7.22
C ARG C 30 -6.52 11.99 -8.19
N VAL C 31 -5.27 11.56 -8.39
CA VAL C 31 -4.94 10.40 -9.23
C VAL C 31 -5.38 9.06 -8.60
N ALA C 32 -5.12 8.87 -7.32
CA ALA C 32 -5.56 7.64 -6.64
C ALA C 32 -7.07 7.46 -6.67
N MET C 33 -7.81 8.54 -6.41
CA MET C 33 -9.26 8.51 -6.45
C MET C 33 -9.75 8.25 -7.87
N THR C 34 -9.04 8.85 -8.83
CA THR C 34 -9.35 8.65 -10.23
C THR C 34 -9.16 7.18 -10.58
N ALA C 35 -7.97 6.66 -10.30
CA ALA C 35 -7.63 5.29 -10.67
C ALA C 35 -8.34 4.23 -9.81
N GLU C 36 -9.10 4.65 -8.80
CA GLU C 36 -9.97 3.72 -8.07
C GLU C 36 -11.27 3.57 -8.85
N ALA C 37 -11.79 4.68 -9.35
CA ALA C 37 -13.03 4.70 -10.13
C ALA C 37 -12.86 4.04 -11.51
N CYS C 38 -11.81 4.45 -12.25
CA CYS C 38 -11.51 3.83 -13.54
C CYS C 38 -11.28 2.32 -13.38
N SER C 39 -11.10 1.89 -12.14
CA SER C 39 -10.90 0.48 -11.84
C SER C 39 -12.17 -0.12 -11.26
N ARG C 40 -12.85 0.66 -10.41
CA ARG C 40 -14.11 0.24 -9.85
C ARG C 40 -15.07 -0.12 -10.98
N GLN C 41 -15.13 0.78 -11.96
CA GLN C 41 -16.02 0.63 -13.11
C GLN C 41 -15.56 -0.40 -14.16
N HIS C 42 -14.38 -0.97 -13.94
CA HIS C 42 -13.83 -1.98 -14.84
C HIS C 42 -14.40 -3.36 -14.51
N ARG C 43 -14.98 -3.48 -13.32
CA ARG C 43 -15.66 -4.71 -12.93
C ARG C 43 -17.07 -4.82 -13.55
N LEU C 44 -17.80 -3.71 -13.58
CA LEU C 44 -19.13 -3.64 -14.21
C LEU C 44 -19.01 -3.77 -15.73
N ASP C 45 -18.00 -3.13 -16.29
CA ASP C 45 -17.65 -3.32 -17.69
C ASP C 45 -17.34 -4.79 -17.93
N GLN C 46 -16.75 -5.45 -16.94
CA GLN C 46 -16.47 -6.88 -17.02
C GLN C 46 -17.75 -7.70 -16.97
N ASP C 47 -18.72 -7.24 -16.20
CA ASP C 47 -19.99 -7.93 -16.10
C ASP C 47 -20.75 -7.76 -17.40
N LYS C 48 -20.85 -6.52 -17.86
CA LYS C 48 -21.62 -6.14 -19.04
C LYS C 48 -21.17 -6.88 -20.31
N ILE C 49 -19.86 -7.05 -20.49
CA ILE C 49 -19.31 -7.77 -21.64
C ILE C 49 -19.35 -9.30 -21.47
N GLU C 50 -19.69 -9.76 -20.27
CA GLU C 50 -19.92 -11.19 -20.04
C GLU C 50 -21.36 -11.53 -20.42
N ALA C 51 -22.27 -10.58 -20.19
CA ALA C 51 -23.69 -10.75 -20.48
C ALA C 51 -23.92 -10.95 -21.97
N LEU C 52 -23.18 -10.20 -22.78
CA LEU C 52 -23.27 -10.30 -24.24
C LEU C 52 -22.51 -11.50 -24.79
N SER C 53 -21.47 -11.94 -24.08
CA SER C 53 -20.69 -13.07 -24.55
C SER C 53 -21.52 -14.34 -24.60
N SER C 54 -22.70 -14.30 -23.98
CA SER C 54 -23.55 -15.49 -23.92
C SER C 54 -24.69 -15.45 -24.95
N LYS C 55 -25.08 -14.24 -25.36
CA LYS C 55 -26.08 -14.04 -26.41
C LYS C 55 -25.60 -14.61 -27.75
N VAL C 56 -24.37 -14.22 -28.14
CA VAL C 56 -23.71 -14.75 -29.33
C VAL C 56 -23.63 -16.27 -29.26
N GLN C 57 -23.28 -16.79 -28.09
CA GLN C 57 -23.24 -18.23 -27.86
C GLN C 57 -24.58 -18.86 -28.24
N GLN C 58 -25.59 -18.00 -28.37
CA GLN C 58 -26.93 -18.43 -28.73
C GLN C 58 -27.14 -18.21 -30.22
N LEU C 59 -26.83 -16.99 -30.66
CA LEU C 59 -26.93 -16.58 -32.05
C LEU C 59 -26.09 -17.44 -32.99
N GLU C 60 -24.93 -17.86 -32.49
CA GLU C 60 -24.04 -18.75 -33.25
C GLU C 60 -24.54 -20.19 -33.16
N ARG C 61 -25.48 -20.43 -32.24
CA ARG C 61 -26.06 -21.75 -32.06
C ARG C 61 -27.22 -21.94 -33.03
N SER C 62 -28.04 -20.90 -33.14
CA SER C 62 -29.12 -20.82 -34.14
C SER C 62 -28.61 -20.94 -35.59
N ILE C 63 -27.64 -20.10 -35.95
CA ILE C 63 -27.18 -20.02 -37.33
C ILE C 63 -26.21 -21.15 -37.72
N GLU D 2 -16.14 34.96 8.10
CA GLU D 2 -15.53 33.82 7.48
C GLU D 2 -14.56 33.23 8.44
N LEU D 3 -14.20 33.98 9.44
CA LEU D 3 -13.24 33.49 10.39
C LEU D 3 -13.89 32.67 11.44
N LEU D 4 -14.86 33.22 12.12
CA LEU D 4 -15.52 32.42 13.18
C LEU D 4 -16.06 31.11 12.63
N GLN D 5 -16.40 31.13 11.34
CA GLN D 5 -16.80 29.92 10.64
C GLN D 5 -15.63 28.95 10.69
N ARG D 6 -14.57 29.30 9.96
CA ARG D 6 -13.34 28.51 9.85
C ARG D 6 -12.91 27.86 11.18
N CYS D 7 -13.12 28.59 12.27
CA CYS D 7 -12.67 28.14 13.58
C CYS D 7 -13.39 26.89 14.04
N GLU D 8 -14.70 26.91 13.90
CA GLU D 8 -15.55 25.81 14.31
C GLU D 8 -15.46 24.69 13.28
N SER D 9 -14.95 25.03 12.10
CA SER D 9 -14.70 24.02 11.08
C SER D 9 -13.48 23.18 11.43
N LEU D 10 -12.37 23.82 11.79
CA LEU D 10 -11.14 23.07 12.05
C LEU D 10 -11.26 22.32 13.36
N GLU D 11 -11.75 23.04 14.37
CA GLU D 11 -12.06 22.46 15.67
C GLU D 11 -12.68 21.08 15.48
N LYS D 12 -13.53 20.99 14.45
CA LYS D 12 -14.16 19.74 14.06
C LYS D 12 -13.28 18.83 13.20
N LYS D 13 -12.66 19.35 12.15
CA LYS D 13 -11.78 18.51 11.34
C LYS D 13 -10.70 17.83 12.18
N THR D 14 -10.11 18.61 13.09
CA THR D 14 -9.10 18.13 14.01
C THR D 14 -9.70 17.11 14.97
N ALA D 15 -10.99 17.26 15.28
CA ALA D 15 -11.69 16.30 16.13
C ALA D 15 -11.81 14.93 15.46
N THR D 16 -12.27 14.91 14.21
CA THR D 16 -12.35 13.66 13.46
C THR D 16 -10.95 13.11 13.20
N PHE D 17 -10.00 14.02 13.00
CA PHE D 17 -8.62 13.64 12.72
C PHE D 17 -8.02 12.93 13.94
N GLU D 18 -8.18 13.53 15.12
CA GLU D 18 -7.66 12.93 16.37
C GLU D 18 -8.02 11.46 16.42
N ASN D 19 -9.31 11.20 16.26
CA ASN D 19 -9.84 9.84 16.17
C ASN D 19 -9.20 8.92 15.13
N ILE D 20 -8.99 9.39 13.91
CA ILE D 20 -8.42 8.51 12.91
C ILE D 20 -7.07 7.96 13.39
N VAL D 21 -6.28 8.85 13.97
CA VAL D 21 -4.95 8.52 14.44
C VAL D 21 -4.97 7.62 15.71
N CYS D 22 -6.04 7.73 16.50
CA CYS D 22 -6.28 6.81 17.60
C CYS D 22 -6.57 5.42 17.03
N VAL D 23 -7.59 5.34 16.18
CA VAL D 23 -7.90 4.12 15.44
C VAL D 23 -6.64 3.56 14.74
N LEU D 24 -5.94 4.41 14.02
CA LEU D 24 -4.67 4.02 13.39
C LEU D 24 -3.73 3.37 14.41
N ASN D 25 -3.44 4.14 15.47
CA ASN D 25 -2.54 3.72 16.54
C ASN D 25 -2.90 2.39 17.18
N ARG D 26 -4.19 2.10 17.32
CA ARG D 26 -4.62 0.85 17.95
C ARG D 26 -4.40 -0.30 16.97
N GLU D 27 -4.66 -0.02 15.71
CA GLU D 27 -4.50 -1.01 14.66
C GLU D 27 -3.05 -1.30 14.30
N VAL D 28 -2.12 -0.47 14.77
CA VAL D 28 -0.71 -0.66 14.47
C VAL D 28 0.02 -1.28 15.66
N GLU D 29 -0.59 -1.19 16.83
CA GLU D 29 -0.08 -1.91 17.98
C GLU D 29 -0.54 -3.33 17.81
N ARG D 30 -1.77 -3.47 17.35
CA ARG D 30 -2.39 -4.76 17.21
C ARG D 30 -1.52 -5.60 16.28
N VAL D 31 -1.39 -5.14 15.03
CA VAL D 31 -0.48 -5.69 14.03
C VAL D 31 0.93 -5.94 14.55
N ALA D 32 1.45 -5.00 15.32
CA ALA D 32 2.82 -5.03 15.78
C ALA D 32 3.11 -6.31 16.49
N MET D 33 2.23 -6.66 17.41
CA MET D 33 2.49 -7.77 18.31
C MET D 33 2.17 -9.15 17.70
N THR D 34 1.18 -9.20 16.82
CA THR D 34 0.94 -10.41 16.03
C THR D 34 2.13 -10.74 15.10
N ALA D 35 3.06 -9.81 14.92
CA ALA D 35 4.28 -10.12 14.17
C ALA D 35 5.45 -10.42 15.12
N GLU D 36 5.33 -9.96 16.36
CA GLU D 36 6.29 -10.24 17.43
C GLU D 36 6.09 -11.67 17.92
N ALA D 37 4.82 -12.07 17.92
CA ALA D 37 4.45 -13.46 18.16
C ALA D 37 5.06 -14.38 17.10
N CYS D 38 4.86 -14.05 15.82
CA CYS D 38 5.39 -14.84 14.70
C CYS D 38 6.90 -15.02 14.76
N SER D 39 7.54 -14.29 15.67
CA SER D 39 8.98 -14.36 15.85
C SER D 39 9.34 -15.28 17.01
N ARG D 40 8.36 -15.53 17.88
CA ARG D 40 8.49 -16.49 18.98
C ARG D 40 8.16 -17.88 18.43
N GLN D 41 7.41 -17.88 17.32
CA GLN D 41 6.97 -19.08 16.59
C GLN D 41 8.07 -19.70 15.73
N HIS D 42 8.85 -18.86 15.07
CA HIS D 42 9.95 -19.31 14.24
C HIS D 42 11.16 -19.71 15.09
N ARG D 43 11.22 -19.21 16.32
CA ARG D 43 12.26 -19.62 17.25
C ARG D 43 12.01 -21.05 17.72
N LEU D 44 10.74 -21.47 17.73
CA LEU D 44 10.38 -22.82 18.15
C LEU D 44 10.39 -23.80 16.97
N ASP D 45 10.06 -23.30 15.80
CA ASP D 45 10.09 -24.09 14.57
C ASP D 45 11.49 -24.30 14.01
N GLN D 46 12.25 -23.22 13.84
CA GLN D 46 13.63 -23.33 13.36
C GLN D 46 14.44 -24.28 14.24
N ASP D 47 13.99 -24.45 15.48
CA ASP D 47 14.67 -25.32 16.45
C ASP D 47 14.25 -26.77 16.29
N LYS D 48 12.94 -26.98 16.27
CA LYS D 48 12.36 -28.33 16.22
C LYS D 48 12.73 -29.03 14.93
N ILE D 49 12.76 -28.26 13.84
CA ILE D 49 13.11 -28.76 12.51
C ILE D 49 14.58 -29.17 12.38
N GLU D 50 15.48 -28.22 12.59
CA GLU D 50 16.92 -28.50 12.54
C GLU D 50 17.31 -29.70 13.42
N ALA D 51 16.52 -29.95 14.46
CA ALA D 51 16.76 -31.03 15.41
C ALA D 51 16.33 -32.38 14.88
N LEU D 52 15.08 -32.45 14.44
CA LEU D 52 14.56 -33.67 13.86
C LEU D 52 15.28 -34.00 12.54
N SER D 53 16.04 -33.03 12.02
CA SER D 53 16.82 -33.28 10.82
C SER D 53 18.11 -34.03 11.17
N SER D 54 18.53 -33.92 12.43
CA SER D 54 19.66 -34.69 12.95
C SER D 54 19.24 -36.15 13.13
N LYS D 55 17.99 -36.35 13.57
CA LYS D 55 17.41 -37.69 13.75
C LYS D 55 17.38 -38.42 12.43
N VAL D 56 17.05 -37.69 11.37
CA VAL D 56 17.01 -38.23 10.03
C VAL D 56 18.41 -38.52 9.49
N GLN D 57 19.31 -37.55 9.62
CA GLN D 57 20.68 -37.76 9.13
C GLN D 57 21.30 -38.94 9.87
N GLN D 58 20.64 -39.31 10.96
CA GLN D 58 21.03 -40.45 11.79
C GLN D 58 20.50 -41.76 11.18
N LEU D 59 19.18 -41.82 11.06
CA LEU D 59 18.49 -42.98 10.51
C LEU D 59 18.90 -43.29 9.08
N GLU D 60 19.63 -42.39 8.45
CA GLU D 60 20.09 -42.62 7.09
C GLU D 60 21.40 -43.40 7.07
N ARG D 61 22.16 -43.31 8.15
CA ARG D 61 23.51 -43.89 8.21
C ARG D 61 23.61 -45.05 9.21
N SER D 62 22.58 -45.16 10.04
CA SER D 62 22.40 -46.33 10.88
C SER D 62 21.85 -47.42 9.97
N ILE D 63 21.43 -47.00 8.78
CA ILE D 63 20.75 -47.88 7.81
C ILE D 63 21.37 -47.70 6.42
N GLU E 2 -12.01 35.02 22.67
CA GLU E 2 -12.41 33.62 22.53
C GLU E 2 -11.72 32.96 21.35
N LEU E 3 -11.14 33.77 20.47
CA LEU E 3 -10.45 33.26 19.29
C LEU E 3 -8.99 32.98 19.60
N LEU E 4 -8.24 34.02 19.92
CA LEU E 4 -6.81 33.89 20.23
C LEU E 4 -6.57 32.68 21.13
N GLN E 5 -7.62 32.20 21.77
CA GLN E 5 -7.52 31.04 22.66
C GLN E 5 -7.81 29.76 21.91
N ARG E 6 -8.86 29.77 21.08
CA ARG E 6 -9.25 28.60 20.31
C ARG E 6 -8.27 28.33 19.15
N CYS E 7 -7.59 29.36 18.70
CA CYS E 7 -6.68 29.20 17.59
C CYS E 7 -5.38 28.63 18.13
N GLU E 8 -5.00 29.17 19.29
CA GLU E 8 -3.79 28.76 20.00
C GLU E 8 -3.82 27.27 20.36
N SER E 9 -4.99 26.75 20.71
CA SER E 9 -5.11 25.34 21.05
C SER E 9 -4.98 24.40 19.84
N LEU E 10 -5.42 24.86 18.67
CA LEU E 10 -5.12 24.19 17.41
C LEU E 10 -3.62 24.16 17.16
N GLU E 11 -2.93 25.20 17.59
CA GLU E 11 -1.50 25.25 17.32
C GLU E 11 -0.70 24.28 18.21
N LYS E 12 -1.32 23.75 19.22
CA LYS E 12 -0.66 22.79 20.02
C LYS E 12 -1.01 21.41 19.54
N LYS E 13 -2.27 21.14 19.40
CA LYS E 13 -2.71 19.82 18.95
C LYS E 13 -2.02 19.39 17.67
N THR E 14 -1.94 20.33 16.73
CA THR E 14 -1.31 20.08 15.41
C THR E 14 0.21 19.84 15.47
N ALA E 15 0.93 20.69 16.20
CA ALA E 15 2.37 20.54 16.43
C ALA E 15 2.63 19.14 17.04
N THR E 16 1.66 18.68 17.82
CA THR E 16 1.76 17.39 18.46
C THR E 16 1.36 16.28 17.49
N PHE E 17 0.29 16.47 16.75
CA PHE E 17 -0.16 15.44 15.80
C PHE E 17 0.81 15.26 14.62
N GLU E 18 1.50 16.35 14.32
CA GLU E 18 2.60 16.35 13.36
C GLU E 18 3.65 15.32 13.76
N ASN E 19 4.04 15.34 15.03
CA ASN E 19 5.02 14.40 15.55
C ASN E 19 4.47 12.97 15.68
N ILE E 20 3.26 12.83 16.19
CA ILE E 20 2.58 11.55 16.35
C ILE E 20 2.55 10.80 15.02
N VAL E 21 2.08 11.48 13.98
CA VAL E 21 2.02 10.92 12.64
C VAL E 21 3.39 10.39 12.17
N CYS E 22 4.46 11.18 12.39
CA CYS E 22 5.80 10.80 11.99
C CYS E 22 6.32 9.54 12.69
N VAL E 23 6.05 9.42 13.99
CA VAL E 23 6.46 8.22 14.70
C VAL E 23 5.51 7.11 14.31
N LEU E 24 4.27 7.44 14.03
CA LEU E 24 3.36 6.44 13.52
C LEU E 24 3.79 5.92 12.13
N ASN E 25 4.27 6.82 11.28
CA ASN E 25 4.88 6.40 10.00
C ASN E 25 6.08 5.47 10.15
N ARG E 26 7.14 5.97 10.80
CA ARG E 26 8.35 5.18 10.98
C ARG E 26 8.06 3.79 11.53
N GLU E 27 7.09 3.69 12.45
CA GLU E 27 6.70 2.41 13.05
C GLU E 27 6.00 1.44 12.06
N VAL E 28 5.21 1.99 11.15
CA VAL E 28 4.53 1.17 10.16
C VAL E 28 5.52 0.56 9.16
N GLU E 29 6.60 1.27 8.85
CA GLU E 29 7.68 0.70 8.02
C GLU E 29 8.41 -0.44 8.75
N ARG E 30 8.92 -0.17 9.94
CA ARG E 30 9.50 -1.19 10.81
C ARG E 30 8.63 -2.46 10.91
N VAL E 31 7.30 -2.30 10.86
CA VAL E 31 6.36 -3.43 10.75
C VAL E 31 6.09 -3.92 9.31
N ALA E 32 6.52 -3.18 8.29
CA ALA E 32 6.48 -3.68 6.92
C ALA E 32 7.84 -4.29 6.60
N MET E 33 8.59 -4.59 7.66
CA MET E 33 9.90 -5.21 7.48
C MET E 33 10.03 -6.39 8.43
N THR E 34 9.46 -6.27 9.62
CA THR E 34 9.29 -7.43 10.46
C THR E 34 8.29 -8.39 9.79
N ALA E 35 7.42 -7.86 8.94
CA ALA E 35 6.42 -8.70 8.27
C ALA E 35 7.03 -9.69 7.27
N GLU E 36 8.03 -9.23 6.51
CA GLU E 36 8.85 -10.11 5.67
C GLU E 36 9.40 -11.31 6.44
N ALA E 37 10.08 -11.02 7.54
CA ALA E 37 10.70 -12.05 8.36
C ALA E 37 9.73 -13.15 8.81
N CYS E 38 8.51 -12.79 9.22
CA CYS E 38 7.58 -13.80 9.73
C CYS E 38 6.65 -14.28 8.66
N SER E 39 6.70 -13.64 7.50
CA SER E 39 5.92 -14.07 6.35
C SER E 39 6.80 -14.88 5.42
N ARG E 40 7.94 -14.29 5.05
CA ARG E 40 8.81 -14.89 4.03
C ARG E 40 9.63 -16.05 4.57
N GLN E 41 10.07 -15.95 5.82
CA GLN E 41 10.80 -17.04 6.46
C GLN E 41 9.93 -18.30 6.62
N HIS E 42 8.64 -18.10 6.84
CA HIS E 42 7.70 -19.22 6.84
C HIS E 42 7.67 -19.91 5.47
N ARG E 43 7.89 -19.13 4.41
CA ARG E 43 7.88 -19.65 3.04
C ARG E 43 9.14 -20.46 2.76
N LEU E 44 10.18 -20.20 3.54
CA LEU E 44 11.47 -20.88 3.39
C LEU E 44 11.55 -22.13 4.27
N ASP E 45 11.08 -22.01 5.51
CA ASP E 45 11.12 -23.12 6.44
C ASP E 45 10.14 -24.24 6.02
N GLN E 46 8.98 -23.85 5.47
CA GLN E 46 8.01 -24.82 4.95
C GLN E 46 8.57 -25.52 3.71
N ASP E 47 9.63 -24.93 3.13
CA ASP E 47 10.37 -25.53 2.03
C ASP E 47 11.34 -26.59 2.54
N LYS E 48 11.89 -26.32 3.72
CA LYS E 48 12.71 -27.29 4.44
C LYS E 48 11.82 -28.33 5.13
N ILE E 49 10.52 -28.08 5.15
CA ILE E 49 9.57 -29.10 5.59
C ILE E 49 9.06 -29.93 4.40
N GLU E 50 9.08 -29.34 3.21
CA GLU E 50 8.65 -30.06 2.01
C GLU E 50 9.73 -31.05 1.58
N ALA E 51 10.97 -30.77 2.00
CA ALA E 51 12.14 -31.59 1.66
C ALA E 51 12.24 -32.85 2.51
N LEU E 52 12.32 -32.68 3.81
CA LEU E 52 12.38 -33.82 4.70
C LEU E 52 11.21 -34.76 4.47
N SER E 53 10.06 -34.19 4.14
CA SER E 53 8.84 -34.99 3.98
C SER E 53 9.01 -36.16 3.00
N SER E 54 9.78 -35.94 1.94
CA SER E 54 10.08 -37.00 0.98
C SER E 54 11.16 -37.96 1.51
N LYS E 55 12.10 -37.39 2.27
CA LYS E 55 13.27 -38.11 2.79
C LYS E 55 12.90 -39.05 3.94
N VAL E 56 11.87 -38.69 4.71
CA VAL E 56 11.33 -39.61 5.72
C VAL E 56 10.37 -40.60 5.09
N GLN E 57 9.68 -40.18 4.05
CA GLN E 57 8.89 -41.11 3.26
C GLN E 57 9.81 -42.17 2.67
N GLN E 58 10.90 -41.72 2.03
CA GLN E 58 11.86 -42.62 1.38
C GLN E 58 12.73 -43.36 2.39
N LEU E 59 12.42 -43.14 3.66
CA LEU E 59 13.15 -43.77 4.74
C LEU E 59 12.30 -44.87 5.30
N GLU E 60 11.04 -44.56 5.59
CA GLU E 60 10.13 -45.59 6.03
C GLU E 60 9.88 -46.55 4.86
N ARG E 61 9.78 -45.99 3.66
CA ARG E 61 9.57 -46.79 2.46
C ARG E 61 10.59 -47.92 2.34
N SER E 62 11.88 -47.55 2.30
CA SER E 62 12.94 -48.56 2.23
C SER E 62 13.18 -49.28 3.58
N ILE E 63 12.33 -48.99 4.59
CA ILE E 63 12.27 -49.76 5.84
C ILE E 63 10.92 -50.47 5.99
N GLU F 2 -1.81 37.63 11.52
CA GLU F 2 -1.70 36.80 12.69
C GLU F 2 -2.79 35.76 12.75
N LEU F 3 -4.03 36.15 12.57
CA LEU F 3 -5.09 35.18 12.57
C LEU F 3 -5.37 34.91 11.14
N LEU F 4 -5.54 35.95 10.38
CA LEU F 4 -5.82 35.74 9.02
C LEU F 4 -4.93 34.67 8.50
N GLN F 5 -3.83 34.41 9.17
CA GLN F 5 -2.88 33.47 8.63
C GLN F 5 -2.48 32.32 9.49
N ARG F 6 -2.54 32.50 10.81
CA ARG F 6 -2.15 31.48 11.73
C ARG F 6 -3.20 30.44 11.63
N CYS F 7 -4.36 30.87 11.23
CA CYS F 7 -5.47 29.96 11.02
C CYS F 7 -5.51 29.41 9.59
N GLU F 8 -4.87 30.06 8.64
CA GLU F 8 -4.83 29.47 7.31
C GLU F 8 -3.78 28.36 7.31
N SER F 9 -2.83 28.49 8.24
CA SER F 9 -1.77 27.49 8.34
C SER F 9 -2.24 26.19 9.03
N LEU F 10 -3.20 26.32 9.94
CA LEU F 10 -3.79 25.14 10.58
C LEU F 10 -4.59 24.33 9.57
N GLU F 11 -5.71 24.87 9.10
CA GLU F 11 -6.47 24.25 8.01
C GLU F 11 -5.65 23.57 6.92
N LYS F 12 -4.45 24.07 6.62
CA LYS F 12 -3.63 23.42 5.61
C LYS F 12 -2.92 22.15 6.15
N LYS F 13 -2.21 22.30 7.26
CA LYS F 13 -1.63 21.16 7.95
C LYS F 13 -2.71 20.12 8.16
N THR F 14 -3.87 20.54 8.65
CA THR F 14 -4.97 19.60 8.84
C THR F 14 -5.36 18.85 7.56
N ALA F 15 -5.64 19.53 6.44
CA ALA F 15 -5.86 18.83 5.18
C ALA F 15 -4.87 17.69 5.07
N THR F 16 -3.60 18.09 5.02
CA THR F 16 -2.47 17.24 4.67
C THR F 16 -2.38 15.98 5.54
N PHE F 17 -2.28 16.19 6.85
CA PHE F 17 -2.24 15.07 7.76
C PHE F 17 -3.40 14.13 7.50
N GLU F 18 -4.62 14.64 7.53
CA GLU F 18 -5.77 13.85 7.14
C GLU F 18 -5.41 12.85 6.03
N ASN F 19 -4.89 13.29 4.89
CA ASN F 19 -4.57 12.32 3.83
C ASN F 19 -3.52 11.28 4.24
N ILE F 20 -2.58 11.71 5.07
CA ILE F 20 -1.49 10.87 5.45
C ILE F 20 -1.96 9.75 6.40
N VAL F 21 -2.74 10.12 7.41
CA VAL F 21 -3.37 9.14 8.30
C VAL F 21 -4.35 8.19 7.60
N CYS F 22 -5.11 8.70 6.65
CA CYS F 22 -5.93 7.82 5.83
C CYS F 22 -5.02 6.86 5.07
N VAL F 23 -4.07 7.38 4.31
CA VAL F 23 -3.08 6.54 3.64
C VAL F 23 -2.36 5.53 4.59
N LEU F 24 -1.92 5.98 5.76
CA LEU F 24 -1.40 5.07 6.82
C LEU F 24 -2.39 3.98 7.23
N ASN F 25 -3.68 4.32 7.24
CA ASN F 25 -4.74 3.37 7.56
C ASN F 25 -4.84 2.20 6.54
N ARG F 26 -4.95 2.50 5.26
CA ARG F 26 -4.95 1.46 4.24
C ARG F 26 -3.65 0.67 4.28
N GLU F 27 -2.62 1.26 4.89
CA GLU F 27 -1.28 0.70 4.80
C GLU F 27 -1.08 -0.42 5.84
N VAL F 28 -1.32 -0.09 7.11
CA VAL F 28 -1.41 -1.08 8.18
C VAL F 28 -2.42 -2.20 7.89
N GLU F 29 -3.60 -1.86 7.38
CA GLU F 29 -4.56 -2.89 7.03
C GLU F 29 -4.02 -3.92 6.04
N ARG F 30 -3.20 -3.47 5.08
CA ARG F 30 -2.55 -4.39 4.16
C ARG F 30 -1.42 -5.14 4.83
N VAL F 31 -0.71 -4.47 5.74
CA VAL F 31 0.31 -5.18 6.52
C VAL F 31 -0.35 -6.29 7.35
N ALA F 32 -1.47 -5.99 7.98
CA ALA F 32 -2.18 -6.99 8.78
C ALA F 32 -2.60 -8.23 7.97
N MET F 33 -2.89 -8.08 6.69
CA MET F 33 -3.34 -9.21 5.91
C MET F 33 -2.18 -10.12 5.62
N THR F 34 -1.02 -9.51 5.61
CA THR F 34 0.21 -10.23 5.38
C THR F 34 0.56 -10.99 6.62
N ALA F 35 0.49 -10.36 7.76
CA ALA F 35 0.83 -11.05 8.98
C ALA F 35 -0.19 -12.11 9.27
N GLU F 36 -1.44 -11.84 9.00
CA GLU F 36 -2.47 -12.82 9.25
C GLU F 36 -2.19 -14.01 8.40
N ALA F 37 -1.92 -13.78 7.13
CA ALA F 37 -1.73 -14.93 6.30
C ALA F 37 -0.47 -15.67 6.70
N CYS F 38 0.56 -14.94 7.08
CA CYS F 38 1.79 -15.60 7.40
C CYS F 38 1.54 -16.47 8.59
N SER F 39 0.84 -15.91 9.56
CA SER F 39 0.55 -16.59 10.80
C SER F 39 -0.18 -17.88 10.52
N ARG F 40 -1.17 -17.81 9.66
CA ARG F 40 -1.91 -19.01 9.40
C ARG F 40 -1.03 -20.04 8.71
N GLN F 41 -0.36 -19.66 7.64
CA GLN F 41 0.43 -20.64 6.92
C GLN F 41 1.53 -21.20 7.78
N HIS F 42 2.13 -20.33 8.55
CA HIS F 42 3.21 -20.70 9.45
C HIS F 42 2.74 -21.79 10.42
N ARG F 43 1.47 -21.71 10.80
CA ARG F 43 0.87 -22.68 11.71
C ARG F 43 0.54 -23.96 10.96
N LEU F 44 0.22 -23.82 9.68
CA LEU F 44 -0.02 -24.98 8.82
C LEU F 44 1.27 -25.78 8.61
N ASP F 45 2.35 -25.06 8.33
CA ASP F 45 3.65 -25.72 8.15
C ASP F 45 4.11 -26.33 9.46
N GLN F 46 3.83 -25.67 10.58
CA GLN F 46 4.22 -26.16 11.91
C GLN F 46 3.39 -27.37 12.34
N ASP F 47 2.21 -27.53 11.76
CA ASP F 47 1.34 -28.64 12.10
C ASP F 47 1.74 -29.87 11.27
N LYS F 48 2.09 -29.62 10.01
CA LYS F 48 2.60 -30.64 9.10
C LYS F 48 3.99 -31.12 9.53
N ILE F 49 4.71 -30.25 10.24
CA ILE F 49 6.03 -30.56 10.79
C ILE F 49 5.95 -31.20 12.18
N GLU F 50 4.80 -31.08 12.83
CA GLU F 50 4.58 -31.76 14.11
C GLU F 50 4.18 -33.21 13.86
N ALA F 51 3.49 -33.44 12.74
CA ALA F 51 3.11 -34.80 12.31
C ALA F 51 4.31 -35.58 11.75
N LEU F 52 5.12 -34.90 10.93
CA LEU F 52 6.36 -35.48 10.42
C LEU F 52 7.29 -35.78 11.59
N SER F 53 7.03 -35.12 12.72
CA SER F 53 7.77 -35.31 13.96
C SER F 53 7.54 -36.71 14.49
N SER F 54 6.32 -37.19 14.31
CA SER F 54 5.88 -38.46 14.84
C SER F 54 6.56 -39.58 14.06
N LYS F 55 6.33 -39.60 12.75
CA LYS F 55 6.92 -40.62 11.91
C LYS F 55 8.38 -40.91 12.33
N VAL F 56 9.21 -39.87 12.38
CA VAL F 56 10.61 -40.07 12.75
C VAL F 56 10.78 -40.75 14.10
N GLN F 57 9.85 -40.52 15.03
CA GLN F 57 9.94 -41.18 16.33
C GLN F 57 9.66 -42.66 16.15
N GLN F 58 8.57 -42.96 15.42
CA GLN F 58 8.12 -44.34 15.18
C GLN F 58 9.17 -45.23 14.50
N LEU F 59 9.81 -44.71 13.47
CA LEU F 59 10.84 -45.44 12.76
C LEU F 59 11.98 -45.76 13.72
N GLU F 60 12.58 -44.72 14.29
CA GLU F 60 13.65 -44.86 15.27
C GLU F 60 13.35 -45.95 16.32
N ARG F 61 12.08 -46.08 16.67
CA ARG F 61 11.66 -47.08 17.66
C ARG F 61 11.57 -48.46 17.04
N SER F 62 11.10 -48.52 15.80
CA SER F 62 10.97 -49.78 15.09
C SER F 62 12.34 -50.38 14.70
N ILE F 63 13.41 -49.76 15.21
CA ILE F 63 14.81 -50.16 14.91
C ILE F 63 15.63 -50.64 16.14
#